data_4NKB
#
_entry.id   4NKB
#
_cell.length_a   53.383
_cell.length_b   60.093
_cell.length_c   87.515
_cell.angle_alpha   90.00
_cell.angle_beta   93.31
_cell.angle_gamma   90.00
#
_symmetry.space_group_name_H-M   'P 1 2 1'
#
loop_
_entity.id
_entity.type
_entity.pdbx_description
1 polymer 'Probable serine/threonine-protein kinase zyg-1'
2 non-polymer 'MAGNESIUM ION'
3 non-polymer 2,3-DIHYDROXY-1,4-DITHIOBUTANE
4 non-polymer 2-AMINO-2-HYDROXYMETHYL-PROPANE-1,3-DIOL
5 water water
#
_entity_poly.entity_id   1
_entity_poly.type   'polypeptide(L)'
_entity_poly.pdbx_seq_one_letter_code
;GSMGTVPPSREDRNRSQLWPIRMDRLEGQRVCTAGGRYIVELDTRCRFEVAAQGNFVKRILIVEVDEMVQTVYVHRIPDR
TVRGRNGEEELITLTNNPFVYTSYSQMPKEVQNDYMRLQKMVAVTISGRVAKVTFRRPSQFPDAQAQLMENGDLRIKLPR
SVIVRKMDNGEIFNCIDGIATQKQAVSGITLTKVNEVYKYLIRFEQCLNGMDRGMVCFPIVFSAGTNMVG
;
_entity_poly.pdbx_strand_id   A,B
#
loop_
_chem_comp.id
_chem_comp.type
_chem_comp.name
_chem_comp.formula
DTT non-polymer 2,3-DIHYDROXY-1,4-DITHIOBUTANE 'C4 H10 O2 S2'
MG non-polymer 'MAGNESIUM ION' 'Mg 2'
TRS non-polymer 2-AMINO-2-HYDROXYMETHYL-PROPANE-1,3-DIOL 'C4 H12 N O3 1'
#
# COMPACT_ATOMS: atom_id res chain seq x y z
N GLN A 17 2.57 1.08 -3.14
CA GLN A 17 3.59 1.50 -4.10
C GLN A 17 4.74 0.50 -4.22
N LEU A 18 4.82 -0.19 -5.36
CA LEU A 18 5.83 -1.22 -5.58
C LEU A 18 7.04 -0.67 -6.33
N TRP A 19 6.93 0.57 -6.80
CA TRP A 19 7.99 1.17 -7.59
C TRP A 19 7.95 2.68 -7.41
N PRO A 20 9.09 3.28 -7.02
CA PRO A 20 10.34 2.58 -6.73
C PRO A 20 10.35 1.92 -5.34
N ILE A 21 11.31 1.03 -5.11
CA ILE A 21 11.48 0.41 -3.80
C ILE A 21 11.98 1.45 -2.79
N ARG A 22 11.32 1.53 -1.65
CA ARG A 22 11.70 2.50 -0.62
C ARG A 22 12.73 1.92 0.35
N MET A 23 13.88 2.60 0.43
CA MET A 23 15.01 2.10 1.20
C MET A 23 15.50 3.08 2.26
N ASP A 24 14.69 4.09 2.56
CA ASP A 24 15.07 5.10 3.55
C ASP A 24 15.35 4.50 4.91
N ARG A 25 16.52 4.85 5.45
CA ARG A 25 16.95 4.41 6.78
C ARG A 25 17.15 2.89 6.87
N LEU A 26 17.26 2.24 5.72
CA LEU A 26 17.40 0.79 5.67
C LEU A 26 18.79 0.31 5.25
N GLU A 27 19.75 1.23 5.21
CA GLU A 27 21.11 0.87 4.82
C GLU A 27 21.74 -0.11 5.80
N GLY A 28 22.37 -1.15 5.27
CA GLY A 28 23.06 -2.11 6.12
C GLY A 28 22.24 -3.35 6.39
N GLN A 29 20.93 -3.26 6.18
CA GLN A 29 20.04 -4.37 6.49
C GLN A 29 20.23 -5.50 5.48
N ARG A 30 20.37 -6.72 6.00
CA ARG A 30 20.55 -7.90 5.16
C ARG A 30 19.63 -9.03 5.64
N VAL A 31 19.22 -9.88 4.72
CA VAL A 31 18.43 -11.06 5.05
C VAL A 31 18.91 -12.26 4.24
N CYS A 32 19.10 -13.38 4.91
CA CYS A 32 19.49 -14.62 4.24
C CYS A 32 18.42 -15.68 4.37
N THR A 33 17.92 -16.15 3.23
CA THR A 33 16.90 -17.19 3.22
C THR A 33 17.32 -18.33 2.31
N ALA A 34 16.38 -19.22 2.02
CA ALA A 34 16.63 -20.33 1.10
C ALA A 34 16.53 -19.86 -0.34
N GLY A 35 15.91 -18.71 -0.54
CA GLY A 35 15.73 -18.15 -1.87
C GLY A 35 16.90 -17.30 -2.33
N GLY A 36 17.80 -16.99 -1.40
CA GLY A 36 18.98 -16.21 -1.73
C GLY A 36 19.33 -15.18 -0.66
N ARG A 37 20.13 -14.18 -1.04
CA ARG A 37 20.55 -13.15 -0.11
C ARG A 37 19.99 -11.79 -0.50
N TYR A 38 19.43 -11.08 0.47
CA TYR A 38 18.82 -9.78 0.24
C TYR A 38 19.61 -8.71 0.98
N ILE A 39 20.20 -7.77 0.26
CA ILE A 39 21.05 -6.75 0.87
C ILE A 39 20.67 -5.33 0.46
N VAL A 40 20.45 -4.47 1.45
CA VAL A 40 20.27 -3.05 1.20
C VAL A 40 21.60 -2.33 1.36
N GLU A 41 22.29 -2.09 0.26
CA GLU A 41 23.61 -1.50 0.28
C GLU A 41 23.61 -0.05 0.73
N LEU A 42 22.69 0.73 0.16
CA LEU A 42 22.54 2.13 0.52
C LEU A 42 21.05 2.45 0.57
N ASP A 43 20.72 3.67 1.01
CA ASP A 43 19.32 4.09 1.00
C ASP A 43 18.80 4.31 -0.43
N THR A 44 19.70 4.24 -1.40
CA THR A 44 19.33 4.36 -2.80
C THR A 44 19.69 3.12 -3.60
N ARG A 45 20.15 2.07 -2.92
CA ARG A 45 20.49 0.82 -3.60
C ARG A 45 20.30 -0.42 -2.74
N CYS A 46 19.58 -1.40 -3.27
CA CYS A 46 19.42 -2.70 -2.61
C CYS A 46 19.79 -3.82 -3.58
N ARG A 47 19.91 -5.04 -3.05
CA ARG A 47 20.49 -6.14 -3.83
C ARG A 47 19.84 -7.49 -3.53
N PHE A 48 19.61 -8.28 -4.57
CA PHE A 48 19.08 -9.64 -4.43
C PHE A 48 19.95 -10.63 -5.19
N GLU A 49 20.83 -11.32 -4.46
CA GLU A 49 21.59 -12.42 -5.03
C GLU A 49 20.76 -13.70 -4.97
N VAL A 50 20.11 -14.02 -6.10
CA VAL A 50 19.17 -15.13 -6.16
C VAL A 50 19.87 -16.48 -6.18
N ALA A 51 19.49 -17.34 -5.24
CA ALA A 51 20.01 -18.70 -5.19
C ALA A 51 19.27 -19.59 -6.19
N ALA A 52 20.03 -20.37 -6.96
CA ALA A 52 19.45 -21.24 -7.98
C ALA A 52 19.48 -22.70 -7.55
N GLN A 53 18.84 -23.54 -8.36
CA GLN A 53 18.86 -24.98 -8.15
C GLN A 53 20.30 -25.51 -8.15
N GLY A 54 20.71 -26.10 -7.05
CA GLY A 54 22.09 -26.51 -6.90
C GLY A 54 22.85 -25.52 -6.04
N ASN A 55 22.12 -24.74 -5.24
CA ASN A 55 22.67 -23.71 -4.35
C ASN A 55 23.73 -22.78 -4.97
N PHE A 56 23.67 -22.63 -6.28
CA PHE A 56 24.53 -21.68 -7.00
C PHE A 56 23.79 -20.39 -7.30
N VAL A 57 24.53 -19.30 -7.47
CA VAL A 57 23.93 -18.02 -7.83
C VAL A 57 23.89 -17.86 -9.34
N LYS A 58 22.69 -17.74 -9.91
CA LYS A 58 22.53 -17.62 -11.35
C LYS A 58 22.04 -16.22 -11.73
N ARG A 59 21.50 -15.49 -10.75
CA ARG A 59 20.94 -14.17 -11.01
C ARG A 59 21.14 -13.18 -9.85
N ILE A 60 21.57 -11.97 -10.19
CA ILE A 60 21.69 -10.89 -9.21
C ILE A 60 20.92 -9.66 -9.66
N LEU A 61 19.96 -9.23 -8.85
CA LEU A 61 19.21 -8.01 -9.14
C LEU A 61 19.81 -6.83 -8.38
N ILE A 62 20.05 -5.74 -9.10
CA ILE A 62 20.47 -4.50 -8.47
C ILE A 62 19.38 -3.45 -8.71
N VAL A 63 18.86 -2.89 -7.63
CA VAL A 63 17.84 -1.85 -7.72
C VAL A 63 18.40 -0.55 -7.21
N GLU A 64 18.41 0.47 -8.07
CA GLU A 64 19.01 1.75 -7.72
C GLU A 64 18.05 2.90 -7.99
N VAL A 65 17.95 3.82 -7.04
CA VAL A 65 17.00 4.93 -7.14
C VAL A 65 17.69 6.29 -7.09
N ASP A 66 17.53 7.07 -8.16
CA ASP A 66 18.01 8.44 -8.19
C ASP A 66 16.85 9.41 -7.96
N GLU A 67 16.72 9.88 -6.72
CA GLU A 67 15.59 10.70 -6.31
C GLU A 67 14.27 9.94 -6.50
N MET A 68 13.70 10.00 -7.70
CA MET A 68 12.44 9.32 -7.94
C MET A 68 12.51 8.33 -9.10
N VAL A 69 13.58 8.40 -9.90
CA VAL A 69 13.76 7.41 -10.96
C VAL A 69 14.49 6.18 -10.44
N GLN A 70 14.07 5.01 -10.89
CA GLN A 70 14.66 3.74 -10.44
C GLN A 70 15.12 2.90 -11.62
N THR A 71 16.34 2.38 -11.51
CA THR A 71 16.89 1.50 -12.52
C THR A 71 17.13 0.14 -11.91
N VAL A 72 16.67 -0.91 -12.59
CA VAL A 72 16.86 -2.27 -12.11
C VAL A 72 17.82 -3.02 -13.03
N TYR A 73 18.97 -3.42 -12.46
CA TYR A 73 19.97 -4.15 -13.22
C TYR A 73 19.86 -5.65 -12.94
N VAL A 74 19.61 -6.43 -13.99
CA VAL A 74 19.46 -7.87 -13.83
C VAL A 74 20.66 -8.61 -14.40
N HIS A 75 21.56 -9.02 -13.52
CA HIS A 75 22.76 -9.73 -13.93
C HIS A 75 22.50 -11.22 -14.06
N ARG A 76 23.03 -11.83 -15.10
CA ARG A 76 22.90 -13.27 -15.30
C ARG A 76 24.27 -13.92 -15.17
N ILE A 77 24.39 -14.82 -14.20
CA ILE A 77 25.66 -15.48 -13.91
C ILE A 77 25.55 -16.91 -14.38
N PRO A 78 26.55 -17.40 -15.13
CA PRO A 78 26.52 -18.77 -15.64
C PRO A 78 26.36 -19.78 -14.52
N ASP A 79 25.62 -20.85 -14.77
CA ASP A 79 25.32 -21.81 -13.70
C ASP A 79 26.58 -22.49 -13.18
N ARG A 80 26.56 -22.85 -11.89
CA ARG A 80 27.66 -23.55 -11.22
C ARG A 80 29.04 -22.87 -11.20
N THR A 81 29.09 -21.55 -11.16
CA THR A 81 30.37 -20.83 -11.00
C THR A 81 30.51 -20.17 -9.62
N VAL A 82 29.39 -19.68 -9.09
CA VAL A 82 29.39 -18.96 -7.82
C VAL A 82 28.31 -19.48 -6.89
N ARG A 83 28.68 -19.68 -5.63
CA ARG A 83 27.76 -20.24 -4.64
C ARG A 83 27.11 -19.14 -3.81
N GLY A 84 25.91 -19.42 -3.33
CA GLY A 84 25.21 -18.51 -2.44
C GLY A 84 26.03 -18.24 -1.20
N ARG A 85 26.24 -16.96 -0.90
CA ARG A 85 27.09 -16.60 0.22
C ARG A 85 26.26 -16.26 1.45
N ASN A 86 26.87 -16.41 2.62
CA ASN A 86 26.19 -16.11 3.88
C ASN A 86 26.28 -14.62 4.22
N GLY A 87 25.69 -14.25 5.35
CA GLY A 87 25.58 -12.86 5.75
C GLY A 87 26.93 -12.21 6.01
N GLU A 88 26.98 -10.90 5.81
CA GLU A 88 28.19 -10.08 6.01
C GLU A 88 29.42 -10.47 5.17
N GLU A 89 29.27 -11.46 4.29
CA GLU A 89 30.34 -11.80 3.35
C GLU A 89 30.40 -10.76 2.23
N GLU A 90 31.50 -10.75 1.49
CA GLU A 90 31.71 -9.79 0.42
C GLU A 90 30.59 -9.87 -0.62
N LEU A 91 30.21 -8.72 -1.17
CA LEU A 91 29.24 -8.67 -2.26
C LEU A 91 29.82 -9.39 -3.47
N ILE A 92 29.02 -10.27 -4.07
CA ILE A 92 29.44 -10.96 -5.28
C ILE A 92 29.71 -9.95 -6.39
N THR A 93 30.83 -10.13 -7.08
CA THR A 93 31.21 -9.24 -8.17
C THR A 93 30.20 -9.34 -9.33
N LEU A 94 29.78 -8.19 -9.83
CA LEU A 94 28.75 -8.12 -10.85
C LEU A 94 29.31 -8.35 -12.25
N THR A 95 28.43 -8.67 -13.19
CA THR A 95 28.80 -8.85 -14.58
C THR A 95 28.83 -7.52 -15.30
N ASN A 96 29.42 -7.49 -16.50
CA ASN A 96 29.53 -6.25 -17.26
C ASN A 96 28.45 -6.09 -18.32
N ASN A 97 27.50 -7.01 -18.37
CA ASN A 97 26.38 -6.92 -19.30
C ASN A 97 25.01 -7.22 -18.71
N PRO A 98 24.57 -6.43 -17.72
CA PRO A 98 23.27 -6.74 -17.14
C PRO A 98 22.13 -6.20 -17.98
N PHE A 99 20.99 -6.88 -17.95
CA PHE A 99 19.76 -6.33 -18.54
C PHE A 99 19.38 -5.09 -17.75
N VAL A 100 18.95 -4.05 -18.44
CA VAL A 100 18.63 -2.79 -17.78
C VAL A 100 17.14 -2.46 -17.95
N TYR A 101 16.50 -2.12 -16.83
CA TYR A 101 15.08 -1.76 -16.85
C TYR A 101 14.85 -0.44 -16.13
N THR A 102 14.13 0.46 -16.78
CA THR A 102 13.89 1.79 -16.24
C THR A 102 12.46 1.94 -15.74
N SER A 103 11.65 0.93 -16.01
CA SER A 103 10.27 0.92 -15.53
C SER A 103 9.80 -0.51 -15.26
N TYR A 104 8.77 -0.63 -14.45
CA TYR A 104 8.27 -1.93 -13.99
C TYR A 104 7.78 -2.83 -15.12
N SER A 105 7.00 -2.27 -16.04
CA SER A 105 6.39 -3.05 -17.10
C SER A 105 7.39 -3.55 -18.14
N GLN A 106 8.56 -2.91 -18.20
CA GLN A 106 9.63 -3.35 -19.08
C GLN A 106 10.13 -4.74 -18.71
N MET A 107 10.11 -5.05 -17.41
CA MET A 107 10.58 -6.33 -16.91
C MET A 107 9.67 -7.48 -17.32
N PRO A 108 10.26 -8.58 -17.79
CA PRO A 108 9.51 -9.81 -18.05
C PRO A 108 9.02 -10.43 -16.74
N LYS A 109 8.02 -11.31 -16.83
CA LYS A 109 7.35 -11.84 -15.64
C LYS A 109 8.28 -12.61 -14.71
N GLU A 110 9.26 -13.31 -15.27
CA GLU A 110 10.21 -14.07 -14.46
C GLU A 110 11.18 -13.17 -13.71
N VAL A 111 11.45 -12.00 -14.28
CA VAL A 111 12.27 -10.99 -13.61
C VAL A 111 11.40 -10.22 -12.64
N GLN A 112 10.14 -10.01 -13.03
CA GLN A 112 9.18 -9.32 -12.19
C GLN A 112 8.92 -10.08 -10.88
N ASN A 113 8.87 -11.41 -10.96
CA ASN A 113 8.71 -12.24 -9.78
C ASN A 113 9.86 -12.07 -8.79
N ASP A 114 11.09 -12.14 -9.32
CA ASP A 114 12.28 -11.94 -8.51
C ASP A 114 12.33 -10.54 -7.93
N TYR A 115 11.81 -9.57 -8.69
CA TYR A 115 11.72 -8.19 -8.22
C TYR A 115 10.74 -8.05 -7.06
N MET A 116 9.60 -8.74 -7.15
CA MET A 116 8.58 -8.70 -6.11
CA MET A 116 8.60 -8.66 -6.10
C MET A 116 9.09 -9.29 -4.80
N ARG A 117 9.87 -10.36 -4.90
CA ARG A 117 10.47 -11.01 -3.74
C ARG A 117 11.39 -10.05 -2.99
N LEU A 118 12.10 -9.22 -3.75
CA LEU A 118 13.04 -8.26 -3.17
C LEU A 118 12.31 -7.10 -2.49
N GLN A 119 11.33 -6.52 -3.18
CA GLN A 119 10.61 -5.37 -2.65
C GLN A 119 9.77 -5.76 -1.43
N LYS A 120 9.29 -7.00 -1.40
CA LYS A 120 8.55 -7.50 -0.26
C LYS A 120 9.46 -7.64 0.95
N MET A 121 10.63 -8.25 0.74
CA MET A 121 11.61 -8.44 1.80
C MET A 121 12.06 -7.11 2.40
N VAL A 122 12.13 -6.08 1.57
CA VAL A 122 12.58 -4.77 2.02
C VAL A 122 11.46 -3.96 2.68
N ALA A 123 10.28 -3.96 2.07
CA ALA A 123 9.17 -3.15 2.55
C ALA A 123 8.36 -3.79 3.66
N VAL A 124 8.43 -5.12 3.77
CA VAL A 124 7.67 -5.83 4.81
C VAL A 124 8.56 -6.37 5.93
N THR A 125 9.42 -7.33 5.60
CA THR A 125 10.24 -8.02 6.59
C THR A 125 11.28 -7.09 7.22
N ILE A 126 12.13 -6.49 6.39
CA ILE A 126 13.18 -5.60 6.88
C ILE A 126 12.60 -4.37 7.57
N SER A 127 11.65 -3.72 6.90
CA SER A 127 11.03 -2.51 7.42
C SER A 127 10.32 -2.74 8.74
N GLY A 128 9.86 -3.97 8.97
CA GLY A 128 9.20 -4.32 10.21
C GLY A 128 10.14 -4.43 11.39
N ARG A 129 11.43 -4.54 11.12
CA ARG A 129 12.43 -4.66 12.18
C ARG A 129 13.06 -3.32 12.56
N VAL A 130 12.81 -2.29 11.76
CA VAL A 130 13.44 -1.01 11.98
C VAL A 130 12.46 -0.01 12.59
N ALA A 131 12.81 0.49 13.78
CA ALA A 131 11.95 1.44 14.47
C ALA A 131 12.12 2.82 13.85
N LYS A 132 10.99 3.48 13.59
CA LYS A 132 11.00 4.79 12.96
C LYS A 132 10.64 5.87 13.97
N VAL A 133 9.54 5.64 14.69
CA VAL A 133 9.15 6.52 15.78
C VAL A 133 8.92 5.72 17.05
N THR A 134 9.51 6.16 18.14
CA THR A 134 9.31 5.51 19.42
C THR A 134 8.80 6.53 20.43
N PHE A 135 7.68 6.21 21.06
CA PHE A 135 7.09 7.11 22.04
C PHE A 135 7.16 6.48 23.43
N ARG A 136 7.80 7.18 24.36
CA ARG A 136 7.93 6.70 25.72
C ARG A 136 6.79 7.20 26.60
N ARG A 137 6.18 6.26 27.32
CA ARG A 137 5.11 6.56 28.27
C ARG A 137 3.96 7.39 27.70
N PRO A 138 3.27 6.87 26.67
CA PRO A 138 2.06 7.56 26.19
C PRO A 138 1.01 7.55 27.30
N SER A 139 0.07 8.48 27.29
CA SER A 139 -0.98 8.49 28.31
C SER A 139 -1.80 7.20 28.31
N GLN A 140 -1.82 6.51 27.16
CA GLN A 140 -2.53 5.24 27.04
C GLN A 140 -1.76 4.09 27.68
N PHE A 141 -0.45 4.26 27.80
CA PHE A 141 0.42 3.26 28.43
C PHE A 141 1.59 4.01 29.08
N PRO A 142 1.34 4.72 30.19
CA PRO A 142 2.49 5.47 30.75
C PRO A 142 3.60 4.59 31.34
N ASP A 143 3.55 3.28 31.09
CA ASP A 143 4.50 2.35 31.70
C ASP A 143 5.36 1.61 30.67
N ALA A 144 5.24 1.98 29.40
CA ALA A 144 6.00 1.33 28.35
C ALA A 144 6.43 2.29 27.25
N GLN A 145 6.95 1.75 26.16
CA GLN A 145 7.27 2.56 24.99
C GLN A 145 6.64 1.97 23.73
N ALA A 146 6.03 2.84 22.93
CA ALA A 146 5.38 2.41 21.70
C ALA A 146 6.25 2.73 20.50
N GLN A 147 6.51 1.73 19.67
CA GLN A 147 7.35 1.90 18.48
C GLN A 147 6.57 1.75 17.18
N LEU A 148 6.63 2.78 16.34
CA LEU A 148 6.11 2.70 14.99
C LEU A 148 7.24 2.31 14.05
N MET A 149 7.10 1.14 13.42
CA MET A 149 8.15 0.63 12.55
C MET A 149 8.05 1.23 11.15
N GLU A 150 9.05 0.96 10.31
CA GLU A 150 9.11 1.51 8.97
C GLU A 150 7.96 1.06 8.08
N ASN A 151 7.50 -0.18 8.27
CA ASN A 151 6.41 -0.71 7.46
C ASN A 151 5.03 -0.33 7.98
N GLY A 152 5.00 0.55 8.98
CA GLY A 152 3.76 1.01 9.56
C GLY A 152 3.27 0.16 10.73
N ASP A 153 3.96 -0.95 10.99
CA ASP A 153 3.59 -1.81 12.11
C ASP A 153 3.80 -1.08 13.43
N LEU A 154 2.96 -1.40 14.41
CA LEU A 154 3.10 -0.84 15.74
C LEU A 154 3.57 -1.91 16.70
N ARG A 155 4.65 -1.61 17.44
CA ARG A 155 5.18 -2.55 18.41
C ARG A 155 5.28 -1.89 19.77
N ILE A 156 4.49 -2.38 20.72
CA ILE A 156 4.50 -1.84 22.07
C ILE A 156 5.23 -2.79 23.01
N LYS A 157 6.43 -2.40 23.43
CA LYS A 157 7.24 -3.24 24.29
C LYS A 157 6.76 -3.14 25.74
N LEU A 158 6.22 -4.24 26.26
CA LEU A 158 5.78 -4.32 27.63
C LEU A 158 6.78 -5.18 28.41
N PRO A 159 6.64 -5.22 29.75
CA PRO A 159 7.41 -6.21 30.49
C PRO A 159 7.05 -7.62 30.07
N ARG A 160 8.03 -8.29 29.47
CA ARG A 160 7.90 -9.69 29.10
C ARG A 160 6.93 -9.98 27.94
N SER A 161 6.41 -8.93 27.31
CA SER A 161 5.50 -9.11 26.18
C SER A 161 5.49 -7.94 25.19
N VAL A 162 5.15 -8.23 23.94
CA VAL A 162 5.05 -7.19 22.91
C VAL A 162 3.66 -7.17 22.27
N ILE A 163 2.99 -6.02 22.34
CA ILE A 163 1.73 -5.84 21.65
C ILE A 163 1.97 -5.48 20.19
N VAL A 164 1.54 -6.33 19.27
CA VAL A 164 1.80 -6.12 17.86
C VAL A 164 0.55 -5.77 17.06
N ARG A 165 0.61 -4.67 16.32
CA ARG A 165 -0.42 -4.34 15.36
C ARG A 165 0.15 -4.33 13.94
N LYS A 166 -0.24 -5.30 13.13
CA LYS A 166 0.24 -5.39 11.75
C LYS A 166 -0.47 -4.39 10.85
N MET A 167 0.31 -3.58 10.13
CA MET A 167 -0.23 -2.55 9.25
C MET A 167 -1.08 -3.10 8.11
N ASP A 168 -0.66 -4.24 7.55
CA ASP A 168 -1.32 -4.79 6.37
C ASP A 168 -2.78 -5.21 6.60
N ASN A 169 -3.02 -6.06 7.59
CA ASN A 169 -4.36 -6.59 7.83
C ASN A 169 -5.03 -6.11 9.12
N GLY A 170 -4.38 -5.19 9.82
CA GLY A 170 -4.95 -4.62 11.02
C GLY A 170 -5.02 -5.55 12.22
N GLU A 171 -4.43 -6.74 12.09
CA GLU A 171 -4.47 -7.73 13.16
C GLU A 171 -3.78 -7.23 14.43
N ILE A 172 -4.25 -7.70 15.58
CA ILE A 172 -3.68 -7.32 16.86
C ILE A 172 -3.41 -8.58 17.70
N PHE A 173 -2.19 -8.71 18.19
CA PHE A 173 -1.82 -9.86 19.01
C PHE A 173 -0.63 -9.56 19.92
N ASN A 174 -0.53 -10.29 21.02
CA ASN A 174 0.59 -10.17 21.96
C ASN A 174 1.66 -11.21 21.68
N CYS A 175 2.92 -10.83 21.90
CA CYS A 175 4.08 -11.68 21.60
C CYS A 175 4.11 -12.15 20.15
N GLN A 182 6.54 -19.32 18.75
CA GLN A 182 5.58 -19.30 19.84
C GLN A 182 4.24 -18.77 19.43
N LYS A 183 4.22 -17.55 18.90
CA LYS A 183 2.99 -16.91 18.46
C LYS A 183 2.12 -16.48 19.62
N GLN A 184 0.86 -16.88 19.59
CA GLN A 184 -0.07 -16.54 20.65
C GLN A 184 -0.72 -15.18 20.44
N ALA A 185 -1.98 -15.06 20.84
CA ALA A 185 -2.70 -13.82 20.66
C ALA A 185 -3.72 -13.54 21.76
N VAL A 186 -3.87 -12.25 22.09
CA VAL A 186 -4.85 -11.83 23.07
C VAL A 186 -5.68 -10.68 22.52
N SER A 187 -6.36 -9.97 23.41
CA SER A 187 -7.16 -8.83 23.00
C SER A 187 -8.21 -8.41 24.01
N GLY A 188 -9.44 -8.19 23.54
CA GLY A 188 -10.52 -7.77 24.40
C GLY A 188 -10.17 -6.41 24.95
N ILE A 189 -10.01 -6.34 26.26
CA ILE A 189 -9.56 -5.13 26.92
C ILE A 189 -8.07 -4.99 26.64
N THR A 190 -7.68 -3.81 26.17
CA THR A 190 -6.30 -3.55 25.80
C THR A 190 -6.23 -3.32 24.31
N LEU A 191 -7.14 -3.98 23.58
CA LEU A 191 -7.25 -3.81 22.14
C LEU A 191 -7.74 -2.40 21.83
N THR A 192 -8.55 -1.85 22.74
CA THR A 192 -9.08 -0.50 22.59
C THR A 192 -7.94 0.49 22.79
N LYS A 193 -7.00 0.13 23.66
CA LYS A 193 -5.87 1.01 23.98
C LYS A 193 -4.86 1.20 22.86
N VAL A 194 -4.70 0.20 22.00
CA VAL A 194 -3.68 0.23 20.95
C VAL A 194 -3.95 1.16 19.75
N ASN A 195 -5.21 1.36 19.40
CA ASN A 195 -5.54 2.06 18.14
C ASN A 195 -5.35 3.58 18.11
N GLU A 196 -5.59 4.23 19.24
CA GLU A 196 -5.40 5.67 19.35
C GLU A 196 -3.91 6.05 19.39
N VAL A 197 -3.13 5.30 20.17
CA VAL A 197 -1.67 5.49 20.17
C VAL A 197 -1.12 5.28 18.75
N TYR A 198 -1.63 4.26 18.07
CA TYR A 198 -1.36 4.06 16.66
C TYR A 198 -1.79 5.28 15.84
N LYS A 199 -2.97 5.80 16.16
CA LYS A 199 -3.50 6.97 15.47
C LYS A 199 -2.64 8.16 15.87
N TYR A 200 -2.34 8.24 17.16
CA TYR A 200 -1.45 9.25 17.70
C TYR A 200 -0.10 9.25 16.98
N LEU A 201 0.51 8.07 16.86
CA LEU A 201 1.82 7.95 16.21
C LEU A 201 1.77 8.13 14.70
N ILE A 202 0.76 7.54 14.06
CA ILE A 202 0.54 7.77 12.63
C ILE A 202 0.25 9.23 12.34
N ARG A 203 -0.63 9.83 13.14
CA ARG A 203 -0.84 11.27 12.99
C ARG A 203 0.43 12.01 13.36
N PHE A 204 1.20 11.50 14.32
CA PHE A 204 2.53 12.06 14.61
C PHE A 204 3.47 11.89 13.42
N GLU A 205 3.46 10.71 12.81
CA GLU A 205 4.31 10.46 11.65
C GLU A 205 3.87 11.30 10.46
N GLN A 206 2.58 11.25 10.15
CA GLN A 206 2.06 11.97 8.98
C GLN A 206 2.19 13.48 9.19
N CYS A 207 1.99 13.93 10.43
CA CYS A 207 2.22 15.32 10.77
C CYS A 207 3.70 15.66 10.58
N LEU A 208 4.58 14.76 11.01
CA LEU A 208 6.02 14.97 10.86
C LEU A 208 6.48 14.72 9.42
N ASN A 209 5.57 14.27 8.57
CA ASN A 209 5.84 14.16 7.14
C ASN A 209 5.77 15.51 6.43
N GLY A 210 5.23 16.50 7.12
CA GLY A 210 5.21 17.86 6.62
C GLY A 210 6.44 18.62 7.05
N MET A 211 7.48 17.88 7.40
CA MET A 211 8.76 18.48 7.78
C MET A 211 9.47 18.90 6.51
N ASP A 212 10.25 19.98 6.59
CA ASP A 212 10.98 20.44 5.42
C ASP A 212 12.06 19.46 4.99
N ARG A 213 12.39 19.49 3.70
CA ARG A 213 13.41 18.61 3.14
C ARG A 213 14.80 18.99 3.64
N CYS A 217 15.88 14.40 11.40
CA CYS A 217 14.58 13.91 11.83
C CYS A 217 14.60 12.42 12.15
N PHE A 218 13.87 11.64 11.35
CA PHE A 218 13.77 10.19 11.57
C PHE A 218 15.12 9.51 11.60
N PRO A 219 15.28 8.51 12.49
CA PRO A 219 14.29 8.06 13.47
C PRO A 219 14.22 8.98 14.69
N ILE A 220 13.11 8.93 15.43
CA ILE A 220 12.91 9.82 16.56
C ILE A 220 12.45 9.09 17.83
N VAL A 221 12.94 9.54 18.97
CA VAL A 221 12.45 9.07 20.26
C VAL A 221 11.95 10.28 21.04
N PHE A 222 10.74 10.19 21.59
CA PHE A 222 10.20 11.32 22.32
C PHE A 222 9.31 10.97 23.50
N SER A 223 9.13 11.94 24.39
CA SER A 223 8.13 11.88 25.45
C SER A 223 7.28 13.13 25.33
N ALA A 224 6.00 13.04 25.65
CA ALA A 224 5.11 14.16 25.47
C ALA A 224 4.06 14.31 26.56
N GLY A 225 3.61 15.54 26.77
CA GLY A 225 2.51 15.87 27.65
C GLY A 225 2.81 16.23 29.10
N THR A 226 2.32 15.41 30.03
CA THR A 226 2.33 15.76 31.45
C THR A 226 2.62 14.57 32.38
N ASN A 227 3.77 13.93 32.19
CA ASN A 227 4.24 12.90 33.12
C ASN A 227 5.68 13.22 33.43
N MET A 228 6.14 14.34 32.88
CA MET A 228 7.56 14.66 32.76
C MET A 228 7.91 15.97 33.44
N GLN B 17 -2.88 -0.52 3.04
CA GLN B 17 -3.50 -1.39 4.04
C GLN B 17 -4.76 -2.07 3.51
N LEU B 18 -4.90 -3.35 3.81
CA LEU B 18 -5.99 -4.17 3.31
C LEU B 18 -7.17 -4.26 4.27
N TRP B 19 -6.96 -3.80 5.51
CA TRP B 19 -7.98 -3.86 6.53
C TRP B 19 -7.74 -2.75 7.54
N PRO B 20 -8.78 -1.94 7.82
CA PRO B 20 -10.11 -2.01 7.20
C PRO B 20 -10.17 -1.36 5.81
N ILE B 21 -11.26 -1.62 5.09
CA ILE B 21 -11.48 -1.00 3.78
C ILE B 21 -11.74 0.49 3.92
N ARG B 22 -11.03 1.29 3.12
CA ARG B 22 -11.19 2.73 3.14
C ARG B 22 -12.24 3.17 2.13
N MET B 23 -13.28 3.85 2.63
CA MET B 23 -14.42 4.23 1.80
C MET B 23 -14.68 5.73 1.86
N ASP B 24 -13.70 6.48 2.35
CA ASP B 24 -13.83 7.93 2.51
C ASP B 24 -14.09 8.61 1.17
N ARG B 25 -15.14 9.44 1.14
CA ARG B 25 -15.52 10.20 -0.06
C ARG B 25 -15.92 9.30 -1.22
N LEU B 26 -16.19 8.04 -0.91
CA LEU B 26 -16.55 7.06 -1.92
C LEU B 26 -18.02 6.60 -1.87
N GLU B 27 -18.85 7.33 -1.12
CA GLU B 27 -20.28 7.03 -1.01
C GLU B 27 -21.08 7.25 -2.32
N GLY B 28 -21.96 6.30 -2.65
CA GLY B 28 -22.81 6.43 -3.82
C GLY B 28 -22.25 5.64 -4.99
N GLN B 29 -20.97 5.28 -4.86
CA GLN B 29 -20.20 4.62 -5.90
C GLN B 29 -20.56 3.15 -6.17
N ARG B 30 -20.76 2.81 -7.45
CA ARG B 30 -21.12 1.44 -7.87
C ARG B 30 -20.32 0.96 -9.08
N VAL B 31 -20.10 -0.35 -9.15
CA VAL B 31 -19.45 -0.99 -10.29
C VAL B 31 -20.12 -2.32 -10.57
N CYS B 32 -20.43 -2.58 -11.84
CA CYS B 32 -21.00 -3.86 -12.24
C CYS B 32 -20.11 -4.60 -13.22
N THR B 33 -19.73 -5.82 -12.86
CA THR B 33 -18.90 -6.66 -13.71
C THR B 33 -19.60 -8.00 -13.92
N ALA B 34 -18.88 -8.97 -14.47
CA ALA B 34 -19.42 -10.31 -14.66
C ALA B 34 -19.34 -11.09 -13.35
N GLY B 35 -18.54 -10.59 -12.42
CA GLY B 35 -18.35 -11.25 -11.13
C GLY B 35 -19.39 -10.83 -10.10
N GLY B 36 -20.16 -9.80 -10.41
CA GLY B 36 -21.20 -9.33 -9.52
C GLY B 36 -21.31 -7.81 -9.45
N ARG B 37 -21.96 -7.33 -8.39
CA ARG B 37 -22.17 -5.90 -8.22
C ARG B 37 -21.44 -5.37 -6.99
N TYR B 38 -20.73 -4.26 -7.16
CA TYR B 38 -19.95 -3.67 -6.09
C TYR B 38 -20.53 -2.29 -5.76
N ILE B 39 -21.03 -2.12 -4.54
CA ILE B 39 -21.68 -0.87 -4.16
C ILE B 39 -21.13 -0.30 -2.85
N VAL B 40 -20.71 0.96 -2.89
CA VAL B 40 -20.33 1.66 -1.67
C VAL B 40 -21.52 2.46 -1.16
N GLU B 41 -22.24 1.89 -0.20
CA GLU B 41 -23.46 2.49 0.31
C GLU B 41 -23.21 3.78 1.11
N LEU B 42 -22.24 3.73 2.01
CA LEU B 42 -21.87 4.87 2.82
C LEU B 42 -20.35 4.93 2.96
N ASP B 43 -19.84 5.98 3.60
CA ASP B 43 -18.40 6.06 3.87
C ASP B 43 -17.96 5.04 4.92
N THR B 44 -18.94 4.39 5.55
CA THR B 44 -18.68 3.35 6.54
C THR B 44 -19.27 2.00 6.13
N ARG B 45 -19.82 1.92 4.92
CA ARG B 45 -20.38 0.66 4.46
C ARG B 45 -20.31 0.46 2.95
N CYS B 46 -19.77 -0.67 2.54
CA CYS B 46 -19.76 -1.08 1.14
C CYS B 46 -20.30 -2.50 1.00
N ARG B 47 -20.57 -2.92 -0.23
CA ARG B 47 -21.29 -4.17 -0.47
C ARG B 47 -20.83 -4.89 -1.71
N PHE B 48 -20.76 -6.22 -1.62
CA PHE B 48 -20.41 -7.06 -2.77
C PHE B 48 -21.45 -8.16 -2.95
N GLU B 49 -22.39 -7.92 -3.87
CA GLU B 49 -23.35 -8.94 -4.26
C GLU B 49 -22.71 -9.83 -5.32
N VAL B 50 -22.16 -10.96 -4.89
CA VAL B 50 -21.40 -11.82 -5.77
C VAL B 50 -22.29 -12.59 -6.73
N ALA B 51 -22.04 -12.44 -8.02
CA ALA B 51 -22.74 -13.22 -9.03
C ALA B 51 -22.08 -14.58 -9.18
N ALA B 52 -22.88 -15.63 -9.17
CA ALA B 52 -22.35 -16.98 -9.30
C ALA B 52 -22.68 -17.57 -10.67
N GLN B 53 -22.13 -18.73 -10.95
CA GLN B 53 -22.42 -19.43 -12.20
C GLN B 53 -23.91 -19.71 -12.35
N GLY B 54 -24.50 -19.15 -13.39
CA GLY B 54 -25.94 -19.19 -13.61
C GLY B 54 -26.55 -17.86 -13.23
N ASN B 55 -25.70 -16.84 -13.12
CA ASN B 55 -26.09 -15.48 -12.77
C ASN B 55 -27.06 -15.32 -11.58
N PHE B 56 -27.07 -16.28 -10.67
CA PHE B 56 -27.85 -16.11 -9.45
C PHE B 56 -26.92 -15.65 -8.35
N VAL B 57 -27.48 -14.94 -7.36
CA VAL B 57 -26.69 -14.47 -6.23
C VAL B 57 -26.72 -15.48 -5.10
N LYS B 58 -25.55 -16.00 -4.74
CA LYS B 58 -25.43 -17.01 -3.71
C LYS B 58 -24.76 -16.44 -2.46
N ARG B 59 -24.08 -15.31 -2.63
CA ARG B 59 -23.34 -14.72 -1.53
C ARG B 59 -23.32 -13.19 -1.60
N ILE B 60 -23.60 -12.55 -0.46
CA ILE B 60 -23.51 -11.10 -0.36
C ILE B 60 -22.59 -10.70 0.79
N LEU B 61 -21.53 -9.96 0.47
CA LEU B 61 -20.63 -9.46 1.50
C LEU B 61 -21.00 -8.03 1.89
N ILE B 62 -21.14 -7.79 3.18
CA ILE B 62 -21.33 -6.45 3.70
C ILE B 62 -20.14 -6.08 4.58
N VAL B 63 -19.48 -4.98 4.25
CA VAL B 63 -18.34 -4.51 5.03
C VAL B 63 -18.68 -3.19 5.70
N GLU B 64 -18.61 -3.18 7.03
CA GLU B 64 -19.00 -2.01 7.79
C GLU B 64 -17.90 -1.62 8.77
N VAL B 65 -17.59 -0.32 8.83
CA VAL B 65 -16.50 0.16 9.67
C VAL B 65 -16.98 1.17 10.71
N ASP B 66 -16.80 0.81 11.98
CA ASP B 66 -17.06 1.73 13.08
C ASP B 66 -15.76 2.31 13.61
N GLU B 67 -15.43 3.52 13.15
CA GLU B 67 -14.16 4.17 13.48
C GLU B 67 -12.93 3.37 13.04
N MET B 68 -12.49 2.45 13.88
CA MET B 68 -11.27 1.70 13.62
C MET B 68 -11.52 0.19 13.57
N VAL B 69 -12.66 -0.25 14.10
CA VAL B 69 -13.08 -1.65 14.02
C VAL B 69 -13.93 -1.89 12.77
N GLN B 70 -13.72 -3.04 12.13
CA GLN B 70 -14.45 -3.38 10.91
C GLN B 70 -15.15 -4.73 11.05
N THR B 71 -16.42 -4.78 10.66
CA THR B 71 -17.19 -6.02 10.69
C THR B 71 -17.56 -6.43 9.28
N VAL B 72 -17.32 -7.69 8.94
CA VAL B 72 -17.68 -8.21 7.64
C VAL B 72 -18.80 -9.23 7.74
N TYR B 73 -19.94 -8.91 7.15
CA TYR B 73 -21.10 -9.80 7.17
C TYR B 73 -21.18 -10.58 5.88
N VAL B 74 -21.12 -11.90 5.98
CA VAL B 74 -21.19 -12.76 4.80
C VAL B 74 -22.52 -13.50 4.73
N HIS B 75 -23.41 -13.00 3.88
CA HIS B 75 -24.73 -13.59 3.73
C HIS B 75 -24.70 -14.71 2.71
N ARG B 76 -25.40 -15.80 3.02
CA ARG B 76 -25.51 -16.94 2.12
C ARG B 76 -26.94 -17.11 1.64
N ILE B 77 -27.12 -17.01 0.33
CA ILE B 77 -28.46 -17.10 -0.26
C ILE B 77 -28.62 -18.40 -1.02
N PRO B 78 -29.72 -19.12 -0.75
CA PRO B 78 -30.03 -20.38 -1.45
C PRO B 78 -30.13 -20.15 -2.96
N ASP B 79 -29.68 -21.10 -3.75
CA ASP B 79 -29.63 -20.93 -5.20
C ASP B 79 -31.00 -20.72 -5.83
N ARG B 80 -31.01 -20.03 -6.97
CA ARG B 80 -32.24 -19.75 -7.71
C ARG B 80 -33.27 -18.96 -6.91
N THR B 81 -32.78 -18.08 -6.04
CA THR B 81 -33.68 -17.23 -5.27
C THR B 81 -33.63 -15.78 -5.75
N VAL B 82 -32.42 -15.30 -6.04
CA VAL B 82 -32.25 -13.92 -6.50
C VAL B 82 -31.21 -13.84 -7.62
N ARG B 83 -31.50 -13.06 -8.65
CA ARG B 83 -30.61 -12.95 -9.80
C ARG B 83 -29.69 -11.75 -9.65
N GLY B 84 -28.51 -11.83 -10.26
CA GLY B 84 -27.58 -10.72 -10.26
C GLY B 84 -28.20 -9.48 -10.87
N ARG B 85 -28.17 -8.38 -10.11
CA ARG B 85 -28.82 -7.15 -10.52
C ARG B 85 -27.84 -6.16 -11.13
N ASN B 86 -28.37 -5.26 -11.95
CA ASN B 86 -27.56 -4.22 -12.58
C ASN B 86 -27.36 -3.07 -11.60
N GLY B 87 -26.69 -2.01 -12.06
CA GLY B 87 -26.22 -0.97 -11.16
C GLY B 87 -27.25 -0.24 -10.32
N GLU B 88 -27.96 0.71 -10.91
CA GLU B 88 -28.92 1.51 -10.17
C GLU B 88 -30.17 0.78 -9.66
N GLU B 89 -30.20 -0.54 -9.80
CA GLU B 89 -31.31 -1.33 -9.26
C GLU B 89 -31.24 -1.41 -7.73
N GLU B 90 -32.37 -1.75 -7.12
CA GLU B 90 -32.49 -1.85 -5.66
C GLU B 90 -31.54 -2.88 -5.04
N LEU B 91 -31.06 -2.58 -3.84
CA LEU B 91 -30.22 -3.51 -3.10
C LEU B 91 -30.98 -4.79 -2.76
N ILE B 92 -30.34 -5.93 -3.00
CA ILE B 92 -30.89 -7.23 -2.66
C ILE B 92 -31.12 -7.35 -1.16
N THR B 93 -32.28 -7.86 -0.77
CA THR B 93 -32.61 -8.04 0.64
C THR B 93 -31.66 -9.03 1.30
N LEU B 94 -31.15 -8.66 2.48
CA LEU B 94 -30.16 -9.48 3.18
C LEU B 94 -30.83 -10.58 4.00
N THR B 95 -30.04 -11.59 4.37
CA THR B 95 -30.52 -12.68 5.21
C THR B 95 -30.44 -12.30 6.69
N ASN B 96 -31.11 -13.07 7.54
CA ASN B 96 -31.13 -12.79 8.97
C ASN B 96 -30.14 -13.65 9.75
N ASN B 97 -29.34 -14.44 9.03
CA ASN B 97 -28.31 -15.26 9.66
C ASN B 97 -26.95 -15.24 8.94
N PRO B 98 -26.33 -14.05 8.83
CA PRO B 98 -25.06 -14.00 8.13
C PRO B 98 -23.88 -14.40 9.04
N PHE B 99 -22.83 -14.96 8.45
CA PHE B 99 -21.59 -15.17 9.16
C PHE B 99 -20.98 -13.82 9.50
N VAL B 100 -20.44 -13.69 10.71
CA VAL B 100 -19.88 -12.43 11.17
C VAL B 100 -18.39 -12.54 11.44
N TYR B 101 -17.62 -11.59 10.91
CA TYR B 101 -16.17 -11.58 11.10
C TYR B 101 -15.71 -10.21 11.58
N THR B 102 -14.91 -10.18 12.64
CA THR B 102 -14.45 -8.92 13.22
C THR B 102 -12.99 -8.64 12.91
N SER B 103 -12.32 -9.61 12.32
CA SER B 103 -10.93 -9.44 11.91
C SER B 103 -10.62 -10.32 10.69
N TYR B 104 -9.57 -9.96 9.96
CA TYR B 104 -9.23 -10.59 8.69
C TYR B 104 -8.94 -12.11 8.72
N SER B 105 -8.12 -12.55 9.67
CA SER B 105 -7.71 -13.96 9.72
C SER B 105 -8.86 -14.88 10.14
N GLN B 106 -9.87 -14.31 10.78
CA GLN B 106 -11.06 -15.06 11.17
C GLN B 106 -11.79 -15.58 9.93
N MET B 107 -11.70 -14.81 8.85
CA MET B 107 -12.35 -15.17 7.61
C MET B 107 -11.65 -16.35 6.96
N PRO B 108 -12.43 -17.34 6.49
CA PRO B 108 -11.83 -18.43 5.73
C PRO B 108 -11.31 -17.94 4.39
N LYS B 109 -10.39 -18.68 3.78
CA LYS B 109 -9.70 -18.23 2.57
C LYS B 109 -10.66 -18.06 1.38
N GLU B 110 -11.69 -18.90 1.34
CA GLU B 110 -12.67 -18.84 0.26
C GLU B 110 -13.53 -17.58 0.35
N VAL B 111 -13.73 -17.10 1.57
CA VAL B 111 -14.43 -15.83 1.80
C VAL B 111 -13.46 -14.67 1.65
N GLN B 112 -12.20 -14.91 2.03
CA GLN B 112 -11.15 -13.92 1.94
C GLN B 112 -10.91 -13.49 0.49
N ASN B 113 -11.03 -14.44 -0.43
CA ASN B 113 -10.92 -14.14 -1.85
C ASN B 113 -11.98 -13.14 -2.32
N ASP B 114 -13.23 -13.37 -1.94
CA ASP B 114 -14.32 -12.47 -2.28
C ASP B 114 -14.12 -11.09 -1.64
N TYR B 115 -13.53 -11.08 -0.45
CA TYR B 115 -13.21 -9.83 0.23
C TYR B 115 -12.15 -9.06 -0.53
N MET B 116 -11.15 -9.77 -1.06
CA MET B 116 -10.08 -9.17 -1.87
CA MET B 116 -10.10 -9.11 -1.82
C MET B 116 -10.66 -8.43 -3.06
N ARG B 117 -11.60 -9.08 -3.74
CA ARG B 117 -12.22 -8.53 -4.94
C ARG B 117 -12.96 -7.22 -4.64
N LEU B 118 -13.59 -7.15 -3.47
CA LEU B 118 -14.34 -5.96 -3.09
C LEU B 118 -13.43 -4.79 -2.71
N GLN B 119 -12.44 -5.05 -1.86
CA GLN B 119 -11.54 -4.00 -1.41
C GLN B 119 -10.66 -3.52 -2.56
N LYS B 120 -10.35 -4.41 -3.50
CA LYS B 120 -9.58 -4.03 -4.68
C LYS B 120 -10.42 -3.11 -5.55
N MET B 121 -11.67 -3.49 -5.77
CA MET B 121 -12.59 -2.70 -6.58
C MET B 121 -12.79 -1.30 -5.98
N VAL B 122 -12.76 -1.22 -4.66
CA VAL B 122 -12.94 0.05 -3.96
C VAL B 122 -11.65 0.88 -3.91
N ALA B 123 -10.54 0.24 -3.56
CA ALA B 123 -9.28 0.95 -3.36
C ALA B 123 -8.50 1.21 -4.65
N VAL B 124 -8.78 0.42 -5.69
CA VAL B 124 -8.09 0.59 -6.96
C VAL B 124 -8.96 1.20 -8.04
N THR B 125 -10.00 0.47 -8.46
CA THR B 125 -10.85 0.90 -9.56
C THR B 125 -11.68 2.13 -9.21
N ILE B 126 -12.49 2.02 -8.16
CA ILE B 126 -13.35 3.12 -7.75
C ILE B 126 -12.55 4.35 -7.31
N SER B 127 -11.55 4.13 -6.45
CA SER B 127 -10.73 5.21 -5.95
C SER B 127 -9.97 5.91 -7.07
N GLY B 128 -9.72 5.18 -8.15
CA GLY B 128 -9.05 5.72 -9.32
C GLY B 128 -9.91 6.66 -10.14
N ARG B 129 -11.22 6.60 -9.96
CA ARG B 129 -12.15 7.43 -10.72
C ARG B 129 -12.50 8.72 -9.97
N VAL B 130 -12.15 8.78 -8.69
CA VAL B 130 -12.55 9.90 -7.86
C VAL B 130 -11.40 10.87 -7.61
N ALA B 131 -11.60 12.12 -8.03
CA ALA B 131 -10.59 13.15 -7.84
C ALA B 131 -10.62 13.65 -6.40
N LYS B 132 -9.45 13.77 -5.79
CA LYS B 132 -9.36 14.22 -4.41
C LYS B 132 -8.83 15.64 -4.35
N VAL B 133 -7.72 15.89 -5.03
CA VAL B 133 -7.20 17.24 -5.16
C VAL B 133 -6.97 17.58 -6.64
N THR B 134 -7.44 18.74 -7.05
CA THR B 134 -7.24 19.20 -8.42
C THR B 134 -6.53 20.54 -8.41
N PHE B 135 -5.43 20.64 -9.14
CA PHE B 135 -4.66 21.87 -9.19
C PHE B 135 -4.77 22.50 -10.58
N ARG B 136 -5.25 23.73 -10.61
CA ARG B 136 -5.42 24.45 -11.87
C ARG B 136 -4.17 25.25 -12.21
N ARG B 137 -3.69 25.07 -13.43
CA ARG B 137 -2.54 25.81 -13.94
C ARG B 137 -1.31 25.77 -13.04
N PRO B 138 -0.76 24.57 -12.80
CA PRO B 138 0.49 24.57 -12.05
C PRO B 138 1.62 25.25 -12.80
N SER B 139 2.62 25.73 -12.07
CA SER B 139 3.79 26.34 -12.69
C SER B 139 4.43 25.30 -13.61
N GLN B 140 4.09 24.03 -13.37
CA GLN B 140 4.50 22.94 -14.24
C GLN B 140 3.72 22.78 -15.54
N PHE B 141 2.47 23.23 -15.51
CA PHE B 141 1.59 23.19 -16.66
C PHE B 141 0.52 24.32 -16.56
N PRO B 142 0.89 25.59 -16.83
CA PRO B 142 -0.17 26.58 -16.59
C PRO B 142 -1.35 26.51 -17.60
N ASP B 143 -1.44 25.45 -18.39
CA ASP B 143 -2.42 25.37 -19.46
C ASP B 143 -3.43 24.23 -19.27
N ALA B 144 -3.33 23.54 -18.13
CA ALA B 144 -4.23 22.43 -17.82
C ALA B 144 -4.52 22.33 -16.33
N GLN B 145 -5.15 21.23 -15.93
CA GLN B 145 -5.38 20.94 -14.52
C GLN B 145 -4.88 19.55 -14.13
N ALA B 146 -4.20 19.49 -12.99
CA ALA B 146 -3.64 18.23 -12.51
C ALA B 146 -4.52 17.64 -11.41
N GLN B 147 -4.92 16.39 -11.58
CA GLN B 147 -5.78 15.72 -10.60
C GLN B 147 -5.07 14.55 -9.90
N LEU B 148 -5.02 14.62 -8.57
CA LEU B 148 -4.60 13.48 -7.78
C LEU B 148 -5.84 12.73 -7.33
N MET B 149 -5.96 11.48 -7.76
CA MET B 149 -7.14 10.68 -7.44
C MET B 149 -7.04 10.06 -6.06
N GLU B 150 -8.13 9.43 -5.61
CA GLU B 150 -8.18 8.83 -4.28
C GLU B 150 -7.15 7.73 -4.08
N ASN B 151 -6.85 6.98 -5.14
CA ASN B 151 -5.91 5.88 -5.06
C ASN B 151 -4.46 6.34 -5.23
N GLY B 152 -4.25 7.65 -5.27
CA GLY B 152 -2.93 8.20 -5.41
C GLY B 152 -2.48 8.42 -6.85
N ASP B 153 -3.29 7.95 -7.79
CA ASP B 153 -2.98 8.14 -9.20
C ASP B 153 -3.01 9.62 -9.57
N LEU B 154 -2.15 10.00 -10.52
CA LEU B 154 -2.12 11.37 -11.01
C LEU B 154 -2.68 11.44 -12.43
N ARG B 155 -3.64 12.32 -12.65
CA ARG B 155 -4.24 12.49 -13.97
C ARG B 155 -4.17 13.95 -14.42
N ILE B 156 -3.42 14.18 -15.49
CA ILE B 156 -3.27 15.53 -16.03
C ILE B 156 -4.10 15.67 -17.29
N LYS B 157 -5.18 16.44 -17.20
CA LYS B 157 -6.09 16.62 -18.32
C LYS B 157 -5.55 17.64 -19.31
N LEU B 158 -5.21 17.19 -20.51
CA LEU B 158 -4.75 18.07 -21.56
C LEU B 158 -5.88 18.21 -22.57
N PRO B 159 -5.74 19.14 -23.54
CA PRO B 159 -6.69 19.10 -24.64
C PRO B 159 -6.60 17.77 -25.39
N ARG B 160 -7.66 16.97 -25.28
CA ARG B 160 -7.79 15.71 -26.02
C ARG B 160 -6.86 14.56 -25.58
N SER B 161 -6.14 14.74 -24.48
CA SER B 161 -5.27 13.68 -23.98
C SER B 161 -5.06 13.76 -22.47
N VAL B 162 -4.80 12.61 -21.84
CA VAL B 162 -4.55 12.58 -20.40
C VAL B 162 -3.21 11.95 -20.05
N ILE B 163 -2.37 12.69 -19.34
CA ILE B 163 -1.13 12.14 -18.81
C ILE B 163 -1.40 11.43 -17.49
N VAL B 164 -1.18 10.11 -17.48
CA VAL B 164 -1.50 9.30 -16.32
C VAL B 164 -0.25 8.77 -15.60
N ARG B 165 -0.18 8.99 -14.29
CA ARG B 165 0.85 8.36 -13.47
C ARG B 165 0.20 7.39 -12.48
N LYS B 166 0.46 6.10 -12.67
CA LYS B 166 -0.09 5.07 -11.80
C LYS B 166 0.64 4.99 -10.47
N MET B 167 -0.11 5.09 -9.37
CA MET B 167 0.47 5.05 -8.03
C MET B 167 1.12 3.71 -7.71
N ASP B 168 0.49 2.62 -8.15
CA ASP B 168 0.94 1.27 -7.79
C ASP B 168 2.35 0.94 -8.29
N ASN B 169 2.59 1.07 -9.59
CA ASN B 169 3.87 0.70 -10.17
C ASN B 169 4.68 1.88 -10.69
N GLY B 170 4.19 3.09 -10.46
CA GLY B 170 4.90 4.30 -10.85
C GLY B 170 4.94 4.55 -12.35
N GLU B 171 4.23 3.72 -13.12
CA GLU B 171 4.23 3.84 -14.57
C GLU B 171 3.65 5.16 -15.08
N ILE B 172 4.14 5.59 -16.23
CA ILE B 172 3.68 6.81 -16.86
C ILE B 172 3.34 6.59 -18.33
N PHE B 173 2.15 7.02 -18.72
CA PHE B 173 1.71 6.92 -20.11
C PHE B 173 0.67 7.98 -20.43
N ASN B 174 0.62 8.39 -21.69
CA ASN B 174 -0.40 9.32 -22.14
C ASN B 174 -1.50 8.51 -22.82
N CYS B 175 -2.74 8.95 -22.69
CA CYS B 175 -3.87 8.20 -23.23
C CYS B 175 -4.63 8.90 -24.36
N ILE B 176 -5.69 8.23 -24.84
CA ILE B 176 -6.47 8.68 -25.99
C ILE B 176 -6.88 10.15 -25.89
N GLN B 182 -4.79 -0.50 -23.78
CA GLN B 182 -5.78 0.55 -23.70
C GLN B 182 -5.32 1.83 -24.37
N LYS B 183 -4.19 2.34 -23.92
CA LYS B 183 -3.62 3.56 -24.47
C LYS B 183 -2.13 3.44 -24.70
N GLN B 184 -1.38 4.40 -24.19
CA GLN B 184 0.07 4.39 -24.32
C GLN B 184 0.56 5.02 -25.61
N ALA B 185 1.71 5.67 -25.55
CA ALA B 185 2.46 5.81 -24.32
C ALA B 185 3.20 7.12 -24.25
N VAL B 186 4.48 7.11 -24.59
CA VAL B 186 5.29 8.31 -24.63
C VAL B 186 6.31 8.39 -23.51
N SER B 187 6.87 9.58 -23.31
CA SER B 187 7.86 9.81 -22.27
C SER B 187 8.69 11.05 -22.54
N GLY B 188 10.00 10.90 -22.45
CA GLY B 188 10.94 11.97 -22.73
C GLY B 188 10.93 13.20 -21.82
N ILE B 189 10.59 14.35 -22.41
CA ILE B 189 10.58 15.60 -21.67
C ILE B 189 9.44 15.77 -20.69
N THR B 190 8.25 15.35 -21.09
CA THR B 190 7.08 15.51 -20.23
C THR B 190 7.10 14.60 -19.02
N LEU B 191 7.76 13.45 -19.14
CA LEU B 191 7.86 12.49 -18.05
C LEU B 191 8.61 13.06 -16.84
N THR B 192 9.57 13.93 -17.11
CA THR B 192 10.32 14.60 -16.06
C THR B 192 9.43 15.62 -15.37
N LYS B 193 8.56 16.23 -16.16
CA LYS B 193 7.67 17.28 -15.66
C LYS B 193 6.57 16.77 -14.74
N VAL B 194 6.16 15.52 -14.92
CA VAL B 194 5.05 14.94 -14.15
C VAL B 194 5.40 14.74 -12.67
N ASN B 195 6.67 14.52 -12.40
CA ASN B 195 7.09 14.13 -11.06
C ASN B 195 7.05 15.23 -9.98
N GLU B 196 7.31 16.47 -10.36
CA GLU B 196 7.24 17.55 -9.38
C GLU B 196 5.80 17.87 -9.02
N VAL B 197 4.93 17.99 -10.02
CA VAL B 197 3.50 18.16 -9.76
C VAL B 197 2.94 17.00 -8.96
N TYR B 198 3.36 15.78 -9.31
CA TYR B 198 3.03 14.62 -8.49
C TYR B 198 3.57 14.79 -7.08
N LYS B 199 4.79 15.27 -6.99
CA LYS B 199 5.42 15.50 -5.69
C LYS B 199 4.73 16.65 -5.00
N TYR B 200 4.50 17.72 -5.75
CA TYR B 200 3.77 18.89 -5.25
C TYR B 200 2.42 18.51 -4.67
N LEU B 201 1.64 17.73 -5.42
CA LEU B 201 0.31 17.33 -5.00
C LEU B 201 0.35 16.32 -3.86
N ILE B 202 1.26 15.35 -3.95
CA ILE B 202 1.47 14.42 -2.85
C ILE B 202 1.94 15.21 -1.63
N ARG B 203 2.84 16.16 -1.86
CA ARG B 203 3.25 17.06 -0.80
C ARG B 203 2.10 17.93 -0.33
N PHE B 204 1.25 18.35 -1.26
CA PHE B 204 0.06 19.10 -0.90
C PHE B 204 -0.93 18.25 -0.12
N GLU B 205 -1.15 17.00 -0.56
CA GLU B 205 -2.06 16.09 0.12
C GLU B 205 -1.56 15.65 1.50
N GLN B 206 -0.32 15.19 1.57
CA GLN B 206 0.20 14.66 2.84
C GLN B 206 0.29 15.80 3.85
N CYS B 207 0.66 16.98 3.37
CA CYS B 207 0.66 18.17 4.19
C CYS B 207 -0.76 18.53 4.58
N LEU B 208 -1.69 18.44 3.64
CA LEU B 208 -3.10 18.74 3.95
C LEU B 208 -3.72 17.57 4.70
N ASN B 209 -2.97 16.48 4.82
CA ASN B 209 -3.35 15.39 5.70
C ASN B 209 -3.03 15.72 7.16
N GLY B 210 -2.26 16.79 7.35
CA GLY B 210 -1.98 17.30 8.67
C GLY B 210 -3.02 18.33 9.06
N MET B 211 -4.18 18.24 8.41
CA MET B 211 -5.30 19.11 8.71
C MET B 211 -5.99 18.57 9.96
N ASP B 212 -6.54 19.48 10.77
CA ASP B 212 -7.24 19.05 11.97
C ASP B 212 -8.50 18.30 11.62
N ARG B 213 -8.91 17.39 12.51
CA ARG B 213 -10.11 16.59 12.28
C ARG B 213 -11.39 17.42 12.38
N CYS B 217 -12.92 20.14 3.86
CA CYS B 217 -11.67 19.91 3.14
C CYS B 217 -11.90 19.15 1.83
N PHE B 218 -11.35 17.93 1.78
CA PHE B 218 -11.43 17.09 0.58
C PHE B 218 -12.87 16.84 0.13
N PRO B 219 -13.11 16.83 -1.19
CA PRO B 219 -12.12 17.12 -2.24
C PRO B 219 -11.88 18.63 -2.39
N ILE B 220 -10.75 18.99 -2.98
CA ILE B 220 -10.38 20.39 -3.10
C ILE B 220 -9.94 20.76 -4.53
N VAL B 221 -10.32 21.96 -4.95
CA VAL B 221 -9.84 22.53 -6.21
C VAL B 221 -9.13 23.83 -5.87
N PHE B 222 -7.92 24.00 -6.37
CA PHE B 222 -7.16 25.20 -6.05
C PHE B 222 -6.27 25.71 -7.17
N SER B 223 -5.89 26.97 -7.05
CA SER B 223 -4.86 27.56 -7.89
C SER B 223 -3.83 28.20 -6.97
N ALA B 224 -2.58 28.19 -7.38
CA ALA B 224 -1.50 28.71 -6.56
C ALA B 224 -0.50 29.43 -7.47
N GLY B 225 0.20 30.40 -6.91
CA GLY B 225 1.25 31.07 -7.65
C GLY B 225 0.77 32.31 -8.37
N THR B 226 0.74 32.24 -9.70
CA THR B 226 0.54 33.43 -10.52
C THR B 226 -0.35 33.17 -11.74
N ASN B 227 -1.13 34.17 -12.15
CA ASN B 227 -1.27 35.42 -11.41
C ASN B 227 -2.70 35.97 -11.27
N MET B 228 -3.51 35.33 -10.43
CA MET B 228 -3.14 34.07 -9.79
C MET B 228 -4.22 33.00 -10.01
MG MG C . 12.14 8.19 30.96
MG MG D . 9.82 3.25 28.39
S1 DTT E . 13.17 0.83 27.42
C1 DTT E . 11.69 1.35 28.32
C2 DTT E . 11.98 1.77 29.76
O2 DTT E . 10.78 2.16 30.38
C3 DTT E . 12.97 2.92 29.81
O3 DTT E . 12.45 3.96 30.59
C4 DTT E . 14.32 2.47 30.37
S4 DTT E . 15.60 3.74 30.18
C TRS F . 0.30 4.09 2.02
C1 TRS F . 0.84 5.20 2.91
C2 TRS F . -0.25 2.95 2.87
C3 TRS F . 1.37 3.58 1.07
N TRS F . -0.81 4.64 1.22
O1 TRS F . 1.89 4.68 3.70
O2 TRS F . -1.36 3.39 3.62
O3 TRS F . 1.81 4.63 0.24
MG MG G . -9.42 29.21 -14.31
S1 DTT H . -7.30 24.38 -16.30
C1 DTT H . -8.50 24.63 -17.64
C2 DTT H . -9.63 25.56 -17.24
O2 DTT H . -9.48 25.88 -15.87
C3 DTT H . -10.99 24.93 -17.47
O3 DTT H . -12.00 25.82 -17.07
C4 DTT H . -11.17 24.56 -18.94
S4 DTT H . -12.90 24.22 -19.36
#